data_3IDM
#
_entry.id   3IDM
#
_cell.length_a   58.600
_cell.length_b   64.900
_cell.length_c   176.000
_cell.angle_alpha   90.00
_cell.angle_beta   90.00
_cell.angle_gamma   90.00
#
_symmetry.space_group_name_H-M   'P 21 21 21'
#
loop_
_entity.id
_entity.type
_entity.pdbx_description
1 polymer '2F5 Fab light chain'
2 polymer '2F5 Fab heavy chain'
3 polymer 'gp41 MPER peptide analog'
4 water water
#
loop_
_entity_poly.entity_id
_entity_poly.type
_entity_poly.pdbx_seq_one_letter_code
_entity_poly.pdbx_strand_id
1 'polypeptide(L)'
;ALQLTQSPSSLSASVGDRITITCRASQGVTSALAWYRQKPGSPPQLLIYDASSLESGVPSRFSGSGSGTEFTLTISTLRP
EDFATYYCQQLHFYPHTFGGGTRVDVRRTVAAPSVFIFPPSDEQLKSGTASVVCLLNNFYPREAKVQWKVDNALQSGNSQ
ESVTEQDSKDSTYSLSSTLTLSKADYEKHKVYECEVTHQGLSSPVTKSFNRGEC
;
A
2 'polypeptide(L)'
;RITLKESGPPLVKPTQTLTLTCSFSGFSLSDFGVGVGWIRQPPGKALEWLAIIYSDDDKRYSPSLNTRLTITKDTSKNQV
VLVMTRVSPVDTATYFCAHRRGPTTLFGVPIARGPVNAMDVWGQGITVTISSTSTKGPSVFPLAPSSKSTSGGTAALGCL
VKDYFPEPVTVSWNSGALTSGVHTFPAVLQSSGLYSLSSVVTVPSSSLGTQTYTCNVNHKPSNTKVDKRVEPKSCDK
;
B
3 'polypeptide(L)' ELD(NRG)WAS C
#
# COMPACT_ATOMS: atom_id res chain seq x y z
N ALA A 1 -5.09 17.70 14.33
CA ALA A 1 -5.69 18.87 13.61
C ALA A 1 -6.89 18.45 12.75
N LEU A 2 -7.04 19.10 11.59
CA LEU A 2 -8.13 18.84 10.65
C LEU A 2 -8.11 17.41 10.08
N GLN A 3 -9.28 16.78 10.11
CA GLN A 3 -9.46 15.41 9.61
C GLN A 3 -10.35 15.39 8.37
N LEU A 4 -9.94 14.61 7.36
CA LEU A 4 -10.71 14.42 6.13
C LEU A 4 -11.14 12.95 6.11
N THR A 5 -12.44 12.74 6.27
CA THR A 5 -12.99 11.39 6.30
C THR A 5 -13.69 11.01 4.99
N GLN A 6 -13.17 9.98 4.34
CA GLN A 6 -13.75 9.50 3.08
C GLN A 6 -14.75 8.38 3.31
N SER A 7 -15.83 8.39 2.54
CA SER A 7 -16.88 7.39 2.64
C SER A 7 -17.45 7.00 1.28
N PRO A 8 -17.54 5.68 0.98
CA PRO A 8 -17.14 4.51 1.78
C PRO A 8 -15.64 4.24 1.60
N SER A 9 -15.00 3.55 2.54
CA SER A 9 -13.56 3.25 2.41
C SER A 9 -13.29 2.19 1.33
N SER A 10 -14.34 1.49 0.91
CA SER A 10 -14.25 0.48 -0.13
C SER A 10 -15.59 0.47 -0.87
N LEU A 11 -15.53 0.34 -2.19
CA LEU A 11 -16.72 0.34 -3.04
C LEU A 11 -16.57 -0.67 -4.17
N SER A 12 -17.65 -1.39 -4.45
CA SER A 12 -17.67 -2.35 -5.54
C SER A 12 -18.64 -1.88 -6.61
N ALA A 13 -18.20 -1.98 -7.87
CA ALA A 13 -19.02 -1.58 -9.03
C ALA A 13 -18.60 -2.27 -10.33
N SER A 14 -19.41 -2.08 -11.36
CA SER A 14 -19.17 -2.68 -12.66
C SER A 14 -18.98 -1.57 -13.67
N VAL A 15 -18.53 -1.93 -14.88
CA VAL A 15 -18.31 -0.99 -15.97
C VAL A 15 -19.70 -0.46 -16.38
N GLY A 16 -19.81 0.86 -16.50
CA GLY A 16 -21.05 1.49 -16.87
C GLY A 16 -21.84 2.07 -15.71
N ASP A 17 -21.41 1.78 -14.48
CA ASP A 17 -22.09 2.26 -13.28
C ASP A 17 -21.81 3.74 -12.95
N ARG A 18 -22.71 4.32 -12.17
CA ARG A 18 -22.58 5.70 -11.72
C ARG A 18 -22.22 5.57 -10.25
N ILE A 19 -21.01 5.99 -9.90
CA ILE A 19 -20.57 5.92 -8.51
C ILE A 19 -20.31 7.30 -7.95
N THR A 20 -20.58 7.46 -6.66
CA THR A 20 -20.33 8.72 -5.96
C THR A 20 -19.45 8.40 -4.75
N ILE A 21 -18.44 9.23 -4.53
CA ILE A 21 -17.51 9.09 -3.41
C ILE A 21 -17.60 10.38 -2.60
N THR A 22 -17.74 10.26 -1.28
CA THR A 22 -17.86 11.43 -0.42
C THR A 22 -16.61 11.69 0.45
N CYS A 23 -16.33 12.98 0.68
CA CYS A 23 -15.21 13.41 1.51
C CYS A 23 -15.76 14.48 2.43
N ARG A 24 -15.63 14.25 3.73
CA ARG A 24 -16.14 15.16 4.75
C ARG A 24 -15.03 15.72 5.64
N ALA A 25 -15.01 17.04 5.78
CA ALA A 25 -14.00 17.73 6.58
C ALA A 25 -14.53 18.07 7.98
N SER A 26 -13.65 17.92 8.97
CA SER A 26 -13.98 18.21 10.38
C SER A 26 -14.28 19.69 10.62
N GLN A 27 -13.71 20.54 9.78
CA GLN A 27 -13.92 22.01 9.81
C GLN A 27 -14.08 22.50 8.37
N GLY A 28 -14.77 23.63 8.20
CA GLY A 28 -15.01 24.21 6.88
C GLY A 28 -13.74 24.55 6.10
N VAL A 29 -13.62 23.98 4.90
CA VAL A 29 -12.45 24.21 4.06
C VAL A 29 -12.72 24.96 2.77
N THR A 30 -13.85 25.68 2.75
CA THR A 30 -14.33 26.46 1.59
C THR A 30 -14.38 25.57 0.33
N SER A 31 -13.80 26.04 -0.78
CA SER A 31 -13.78 25.25 -1.99
C SER A 31 -12.39 24.64 -2.22
N ALA A 32 -11.51 24.78 -1.24
CA ALA A 32 -10.14 24.29 -1.38
C ALA A 32 -9.99 22.78 -1.17
N LEU A 33 -10.46 22.04 -2.16
CA LEU A 33 -10.44 20.58 -2.15
C LEU A 33 -10.18 20.02 -3.54
N ALA A 34 -9.32 19.01 -3.59
CA ALA A 34 -8.95 18.36 -4.84
C ALA A 34 -9.20 16.87 -4.77
N TRP A 35 -9.50 16.27 -5.92
CA TRP A 35 -9.74 14.84 -6.04
C TRP A 35 -8.70 14.20 -6.95
N TYR A 36 -8.16 13.06 -6.53
CA TYR A 36 -7.14 12.33 -7.28
C TYR A 36 -7.50 10.87 -7.49
N ARG A 37 -7.04 10.29 -8.60
CA ARG A 37 -7.21 8.88 -8.91
C ARG A 37 -5.80 8.29 -8.93
N GLN A 38 -5.62 7.17 -8.23
CA GLN A 38 -4.33 6.50 -8.20
C GLN A 38 -4.48 5.06 -8.64
N LYS A 39 -3.80 4.76 -9.74
CA LYS A 39 -3.79 3.43 -10.32
C LYS A 39 -2.62 2.70 -9.65
N PRO A 40 -2.73 1.35 -9.47
CA PRO A 40 -1.63 0.59 -8.84
C PRO A 40 -0.27 0.75 -9.53
N GLY A 41 0.74 1.12 -8.72
CA GLY A 41 2.10 1.33 -9.20
C GLY A 41 2.32 2.63 -9.96
N SER A 42 1.36 3.55 -9.82
CA SER A 42 1.40 4.84 -10.49
C SER A 42 1.18 5.98 -9.48
N PRO A 43 1.59 7.21 -9.82
CA PRO A 43 1.37 8.33 -8.88
C PRO A 43 -0.08 8.80 -8.97
N PRO A 44 -0.57 9.58 -7.96
CA PRO A 44 -1.94 10.09 -8.01
C PRO A 44 -2.06 11.06 -9.19
N GLN A 45 -3.22 11.11 -9.81
CA GLN A 45 -3.46 11.99 -10.94
C GLN A 45 -4.60 12.89 -10.56
N LEU A 46 -4.43 14.20 -10.79
CA LEU A 46 -5.46 15.20 -10.50
C LEU A 46 -6.65 15.03 -11.40
N LEU A 47 -7.84 15.04 -10.80
CA LEU A 47 -9.08 14.91 -11.53
C LEU A 47 -9.85 16.22 -11.46
N ILE A 48 -10.08 16.66 -10.24
CA ILE A 48 -10.83 17.87 -9.94
C ILE A 48 -10.04 18.75 -8.98
N TYR A 49 -10.03 20.05 -9.25
CA TYR A 49 -9.38 21.05 -8.40
C TYR A 49 -10.44 22.05 -8.00
N ASP A 50 -10.21 22.77 -6.90
CA ASP A 50 -11.13 23.82 -6.39
C ASP A 50 -12.57 23.31 -6.26
N ALA A 51 -12.69 22.09 -5.73
CA ALA A 51 -13.97 21.39 -5.47
C ALA A 51 -14.81 20.93 -6.65
N SER A 52 -14.92 21.75 -7.69
CA SER A 52 -15.74 21.41 -8.86
C SER A 52 -15.11 21.60 -10.23
N SER A 53 -13.95 22.26 -10.28
CA SER A 53 -13.29 22.51 -11.55
C SER A 53 -12.62 21.30 -12.20
N LEU A 54 -13.02 21.01 -13.43
CA LEU A 54 -12.48 19.87 -14.18
C LEU A 54 -11.08 20.17 -14.71
N GLU A 55 -10.12 19.35 -14.31
CA GLU A 55 -8.73 19.51 -14.76
C GLU A 55 -8.60 19.19 -16.25
N SER A 56 -7.78 19.98 -16.95
CA SER A 56 -7.56 19.84 -18.39
C SER A 56 -6.97 18.48 -18.78
N GLY A 57 -7.63 17.83 -19.74
CA GLY A 57 -7.19 16.53 -20.20
C GLY A 57 -7.85 15.37 -19.48
N VAL A 58 -8.60 15.66 -18.42
CA VAL A 58 -9.30 14.64 -17.64
C VAL A 58 -10.70 14.44 -18.28
N PRO A 59 -11.11 13.17 -18.51
CA PRO A 59 -12.41 12.88 -19.12
C PRO A 59 -13.65 13.46 -18.43
N SER A 60 -14.61 13.84 -19.27
CA SER A 60 -15.90 14.45 -18.88
C SER A 60 -16.76 13.68 -17.86
N ARG A 61 -16.56 12.37 -17.76
CA ARG A 61 -17.32 11.53 -16.83
C ARG A 61 -17.06 11.83 -15.33
N PHE A 62 -15.97 12.53 -15.04
CA PHE A 62 -15.61 12.92 -13.68
C PHE A 62 -16.17 14.30 -13.36
N SER A 63 -16.73 14.44 -12.16
CA SER A 63 -17.28 15.71 -11.71
C SER A 63 -17.26 15.76 -10.19
N GLY A 64 -16.98 16.94 -9.67
CA GLY A 64 -16.94 17.14 -8.23
C GLY A 64 -17.90 18.25 -7.86
N SER A 65 -18.50 18.15 -6.68
CA SER A 65 -19.43 19.16 -6.19
C SER A 65 -19.28 19.33 -4.69
N GLY A 66 -19.86 20.39 -4.15
CA GLY A 66 -19.79 20.65 -2.73
C GLY A 66 -18.82 21.74 -2.32
N SER A 67 -19.06 22.27 -1.11
CA SER A 67 -18.26 23.33 -0.50
C SER A 67 -18.34 23.21 1.03
N GLY A 68 -17.32 23.76 1.71
CA GLY A 68 -17.27 23.75 3.16
C GLY A 68 -16.84 22.46 3.85
N THR A 69 -17.80 21.63 4.23
CA THR A 69 -17.53 20.37 4.91
C THR A 69 -17.95 19.11 4.16
N GLU A 70 -18.82 19.25 3.17
CA GLU A 70 -19.35 18.12 2.40
C GLU A 70 -18.97 18.19 0.92
N PHE A 71 -18.23 17.18 0.45
CA PHE A 71 -17.76 17.11 -0.94
C PHE A 71 -17.99 15.75 -1.59
N THR A 72 -18.37 15.76 -2.87
CA THR A 72 -18.61 14.53 -3.61
C THR A 72 -17.94 14.49 -4.97
N LEU A 73 -17.50 13.29 -5.35
CA LEU A 73 -16.88 13.02 -6.65
C LEU A 73 -17.79 12.00 -7.27
N THR A 74 -18.26 12.29 -8.48
CA THR A 74 -19.10 11.33 -9.16
C THR A 74 -18.50 10.98 -10.50
N ILE A 75 -18.55 9.69 -10.82
CA ILE A 75 -18.05 9.18 -12.09
C ILE A 75 -19.32 8.64 -12.75
N SER A 76 -19.71 9.28 -13.85
CA SER A 76 -20.88 8.86 -14.61
C SER A 76 -20.30 7.84 -15.58
N THR A 77 -20.91 6.66 -15.67
CA THR A 77 -20.44 5.58 -16.56
C THR A 77 -18.98 5.19 -16.27
N LEU A 78 -18.80 4.29 -15.31
CA LEU A 78 -17.47 3.81 -14.90
C LEU A 78 -16.77 3.04 -16.02
N ARG A 79 -15.54 3.44 -16.34
CA ARG A 79 -14.73 2.78 -17.39
C ARG A 79 -13.75 1.81 -16.69
N PRO A 80 -13.16 0.82 -17.44
CA PRO A 80 -12.22 -0.12 -16.80
C PRO A 80 -10.97 0.44 -16.11
N GLU A 81 -10.52 1.62 -16.55
CA GLU A 81 -9.34 2.29 -15.99
C GLU A 81 -9.66 3.05 -14.68
N ASP A 82 -10.93 3.03 -14.29
CA ASP A 82 -11.38 3.71 -13.07
C ASP A 82 -11.34 2.83 -11.83
N PHE A 83 -11.05 1.54 -12.02
CA PHE A 83 -10.93 0.59 -10.91
C PHE A 83 -9.56 0.92 -10.33
N ALA A 84 -9.60 1.72 -9.27
CA ALA A 84 -8.40 2.24 -8.63
C ALA A 84 -8.76 2.77 -7.24
N THR A 85 -7.84 3.56 -6.68
CA THR A 85 -8.04 4.17 -5.37
C THR A 85 -8.15 5.67 -5.58
N TYR A 86 -9.09 6.29 -4.87
CA TYR A 86 -9.37 7.71 -4.97
C TYR A 86 -9.08 8.43 -3.67
N TYR A 87 -8.53 9.63 -3.77
CA TYR A 87 -8.18 10.44 -2.58
C TYR A 87 -8.65 11.87 -2.72
N CYS A 88 -9.05 12.47 -1.61
CA CYS A 88 -9.42 13.88 -1.58
C CYS A 88 -8.32 14.60 -0.78
N GLN A 89 -8.08 15.87 -1.11
CA GLN A 89 -7.07 16.68 -0.42
C GLN A 89 -7.63 18.06 -0.16
N GLN A 90 -7.41 18.49 1.07
CA GLN A 90 -7.81 19.78 1.60
C GLN A 90 -6.60 20.70 1.45
N LEU A 91 -6.80 21.93 0.96
CA LEU A 91 -5.72 22.91 0.80
C LEU A 91 -6.05 24.31 1.36
N HIS A 92 -6.94 24.36 2.35
CA HIS A 92 -7.37 25.62 2.99
C HIS A 92 -6.56 25.92 4.25
N PHE A 93 -6.14 24.87 4.95
CA PHE A 93 -5.35 24.97 6.17
C PHE A 93 -4.05 24.15 6.04
N TYR A 94 -3.02 24.56 6.77
CA TYR A 94 -1.75 23.83 6.83
C TYR A 94 -1.84 22.97 8.10
N PRO A 95 -1.51 21.66 8.00
CA PRO A 95 -1.07 20.84 6.85
C PRO A 95 -2.17 20.52 5.84
N HIS A 96 -1.79 20.40 4.55
CA HIS A 96 -2.72 20.07 3.47
C HIS A 96 -3.07 18.58 3.48
N THR A 97 -3.83 18.17 4.49
CA THR A 97 -4.24 16.78 4.72
C THR A 97 -4.97 16.05 3.60
N PHE A 98 -4.69 14.76 3.51
CA PHE A 98 -5.31 13.86 2.54
C PHE A 98 -6.30 12.97 3.29
N GLY A 99 -7.31 12.47 2.57
CA GLY A 99 -8.28 11.56 3.15
C GLY A 99 -7.70 10.14 3.13
N GLY A 100 -8.40 9.20 3.76
CA GLY A 100 -7.93 7.82 3.84
C GLY A 100 -7.98 7.00 2.56
N GLY A 101 -8.67 7.53 1.56
CA GLY A 101 -8.78 6.83 0.30
C GLY A 101 -10.01 5.95 0.20
N THR A 102 -10.46 5.72 -1.04
CA THR A 102 -11.62 4.86 -1.32
C THR A 102 -11.21 3.95 -2.47
N ARG A 103 -11.28 2.65 -2.20
CA ARG A 103 -10.92 1.61 -3.15
C ARG A 103 -12.13 1.22 -3.98
N VAL A 104 -12.00 1.33 -5.30
CA VAL A 104 -13.06 0.96 -6.23
C VAL A 104 -12.58 -0.30 -6.95
N ASP A 105 -13.28 -1.42 -6.71
CA ASP A 105 -12.94 -2.69 -7.33
C ASP A 105 -14.09 -3.33 -8.14
N VAL A 106 -13.77 -4.37 -8.90
CA VAL A 106 -14.73 -5.10 -9.73
C VAL A 106 -15.71 -5.89 -8.86
N ARG A 107 -17.01 -5.66 -9.08
CA ARG A 107 -18.05 -6.37 -8.34
C ARG A 107 -18.25 -7.75 -8.93
N ARG A 108 -18.59 -8.68 -8.05
CA ARG A 108 -18.89 -10.07 -8.39
C ARG A 108 -19.72 -10.58 -7.21
N THR A 109 -20.15 -11.84 -7.29
CA THR A 109 -20.95 -12.44 -6.23
C THR A 109 -20.09 -12.72 -5.00
N VAL A 110 -20.72 -12.67 -3.82
CA VAL A 110 -20.07 -12.92 -2.55
C VAL A 110 -19.50 -14.34 -2.54
N ALA A 111 -18.21 -14.43 -2.24
CA ALA A 111 -17.50 -15.70 -2.20
C ALA A 111 -16.76 -15.82 -0.87
N ALA A 112 -17.03 -16.92 -0.17
CA ALA A 112 -16.41 -17.21 1.13
C ALA A 112 -15.00 -17.75 0.94
N PRO A 113 -14.06 -17.43 1.87
CA PRO A 113 -12.70 -17.93 1.72
C PRO A 113 -12.56 -19.40 2.08
N SER A 114 -11.73 -20.09 1.33
CA SER A 114 -11.42 -21.49 1.60
C SER A 114 -10.23 -21.29 2.55
N VAL A 115 -10.43 -21.67 3.80
CA VAL A 115 -9.40 -21.50 4.83
C VAL A 115 -8.55 -22.74 5.09
N PHE A 116 -7.24 -22.51 5.22
CA PHE A 116 -6.23 -23.56 5.46
C PHE A 116 -5.22 -23.08 6.49
N ILE A 117 -4.81 -23.97 7.39
CA ILE A 117 -3.80 -23.65 8.41
C ILE A 117 -2.55 -24.51 8.16
N PHE A 118 -1.38 -23.89 8.25
CA PHE A 118 -0.12 -24.58 8.00
C PHE A 118 0.81 -24.55 9.21
N PRO A 119 1.13 -25.74 9.77
CA PRO A 119 2.04 -25.81 10.92
C PRO A 119 3.47 -25.49 10.49
N PRO A 120 4.35 -25.10 11.43
CA PRO A 120 5.72 -24.81 10.98
C PRO A 120 6.45 -26.11 10.66
N SER A 121 7.40 -26.03 9.73
CA SER A 121 8.17 -27.18 9.33
C SER A 121 9.18 -27.55 10.41
N ASP A 122 9.57 -28.83 10.43
CA ASP A 122 10.58 -29.32 11.38
C ASP A 122 11.91 -28.66 11.05
N GLU A 123 12.08 -28.31 9.76
CA GLU A 123 13.28 -27.64 9.24
C GLU A 123 13.42 -26.23 9.86
N GLN A 124 12.30 -25.53 10.06
CA GLN A 124 12.30 -24.19 10.66
C GLN A 124 12.49 -24.28 12.16
N LEU A 125 11.85 -25.27 12.78
CA LEU A 125 11.95 -25.50 14.21
C LEU A 125 13.40 -25.73 14.66
N LYS A 126 14.21 -26.29 13.77
CA LYS A 126 15.64 -26.56 14.01
C LYS A 126 16.46 -25.27 14.08
N SER A 127 15.95 -24.19 13.47
CA SER A 127 16.62 -22.88 13.47
C SER A 127 16.17 -21.99 14.65
N GLY A 128 15.28 -22.52 15.49
CA GLY A 128 14.81 -21.81 16.66
C GLY A 128 13.62 -20.85 16.55
N THR A 129 12.89 -20.93 15.43
CA THR A 129 11.73 -20.07 15.19
C THR A 129 10.57 -20.91 14.63
N ALA A 130 9.35 -20.48 14.90
CA ALA A 130 8.16 -21.17 14.43
C ALA A 130 7.19 -20.21 13.76
N SER A 131 6.97 -20.39 12.47
CA SER A 131 6.03 -19.58 11.71
C SER A 131 4.79 -20.42 11.41
N VAL A 132 3.64 -19.97 11.89
CA VAL A 132 2.37 -20.67 11.64
C VAL A 132 1.61 -19.79 10.65
N VAL A 133 1.28 -20.34 9.48
CA VAL A 133 0.54 -19.54 8.49
C VAL A 133 -0.89 -19.98 8.17
N CYS A 134 -1.76 -18.99 7.99
CA CYS A 134 -3.16 -19.19 7.67
C CYS A 134 -3.47 -18.58 6.32
N LEU A 135 -4.09 -19.38 5.46
CA LEU A 135 -4.46 -18.94 4.12
C LEU A 135 -5.98 -18.84 3.97
N LEU A 136 -6.39 -17.70 3.41
CA LEU A 136 -7.79 -17.40 3.10
C LEU A 136 -7.76 -17.29 1.59
N ASN A 137 -8.25 -18.33 0.90
CA ASN A 137 -8.20 -18.38 -0.56
C ASN A 137 -9.47 -18.02 -1.30
N ASN A 138 -9.30 -17.23 -2.36
CA ASN A 138 -10.37 -16.77 -3.26
C ASN A 138 -11.66 -16.26 -2.64
N PHE A 139 -11.60 -15.06 -2.05
CA PHE A 139 -12.77 -14.45 -1.43
C PHE A 139 -13.17 -13.10 -1.98
N TYR A 140 -14.41 -12.72 -1.67
CA TYR A 140 -14.99 -11.44 -2.06
C TYR A 140 -16.17 -11.15 -1.11
N PRO A 141 -16.25 -9.90 -0.55
CA PRO A 141 -15.38 -8.71 -0.65
C PRO A 141 -14.03 -8.79 0.07
N ARG A 142 -13.17 -7.80 -0.17
CA ARG A 142 -11.83 -7.73 0.40
C ARG A 142 -11.72 -7.80 1.92
N GLU A 143 -12.72 -7.22 2.60
CA GLU A 143 -12.76 -7.20 4.07
C GLU A 143 -12.90 -8.57 4.73
N ALA A 144 -11.87 -8.93 5.50
CA ALA A 144 -11.81 -10.18 6.23
C ALA A 144 -11.03 -9.92 7.51
N LYS A 145 -11.33 -10.70 8.54
CA LYS A 145 -10.66 -10.57 9.85
C LYS A 145 -10.07 -11.91 10.28
N VAL A 146 -8.75 -11.92 10.50
CA VAL A 146 -8.04 -13.11 10.96
C VAL A 146 -7.72 -12.90 12.42
N GLN A 147 -8.01 -13.92 13.22
CA GLN A 147 -7.74 -13.92 14.65
C GLN A 147 -7.06 -15.22 15.07
N TRP A 148 -5.83 -15.09 15.53
CA TRP A 148 -5.04 -16.21 15.99
C TRP A 148 -5.32 -16.51 17.45
N LYS A 149 -5.54 -17.79 17.73
CA LYS A 149 -5.81 -18.26 19.08
C LYS A 149 -4.84 -19.41 19.40
N VAL A 150 -4.13 -19.28 20.52
CA VAL A 150 -3.16 -20.28 20.97
C VAL A 150 -3.60 -20.72 22.37
N ASP A 151 -4.05 -21.97 22.46
CA ASP A 151 -4.59 -22.59 23.70
C ASP A 151 -5.72 -21.71 24.25
N ASN A 152 -6.58 -21.32 23.30
CA ASN A 152 -7.77 -20.47 23.48
C ASN A 152 -7.44 -19.02 23.89
N ALA A 153 -6.16 -18.66 23.76
CA ALA A 153 -5.69 -17.32 24.09
C ALA A 153 -5.58 -16.44 22.85
N LEU A 154 -6.12 -15.24 22.95
CA LEU A 154 -6.12 -14.26 21.85
C LEU A 154 -4.74 -13.66 21.61
N GLN A 155 -4.27 -13.74 20.37
CA GLN A 155 -2.96 -13.22 19.97
C GLN A 155 -3.02 -11.84 19.33
N SER A 156 -1.97 -11.05 19.59
CA SER A 156 -1.83 -9.70 19.02
C SER A 156 -0.38 -9.26 19.04
N GLY A 157 0.03 -8.56 17.99
CA GLY A 157 1.39 -8.05 17.88
C GLY A 157 2.42 -9.03 17.37
N ASN A 158 2.00 -10.28 17.20
CA ASN A 158 2.88 -11.36 16.74
C ASN A 158 2.53 -11.93 15.35
N SER A 159 1.66 -11.22 14.64
CA SER A 159 1.24 -11.64 13.31
C SER A 159 1.32 -10.51 12.28
N GLN A 160 1.57 -10.91 11.04
CA GLN A 160 1.65 -9.97 9.91
C GLN A 160 0.88 -10.59 8.76
N GLU A 161 0.15 -9.76 8.03
CA GLU A 161 -0.65 -10.23 6.90
C GLU A 161 -0.41 -9.46 5.60
N SER A 162 -0.75 -10.13 4.50
CA SER A 162 -0.63 -9.59 3.15
C SER A 162 -1.86 -10.03 2.38
N VAL A 163 -2.30 -9.18 1.45
CA VAL A 163 -3.46 -9.44 0.60
C VAL A 163 -2.98 -9.23 -0.85
N THR A 164 -3.39 -10.12 -1.74
CA THR A 164 -3.03 -10.00 -3.16
C THR A 164 -3.97 -8.97 -3.81
N GLU A 165 -3.59 -8.50 -5.00
CA GLU A 165 -4.41 -7.58 -5.77
C GLU A 165 -5.58 -8.41 -6.34
N GLN A 166 -6.68 -7.75 -6.69
CA GLN A 166 -7.85 -8.42 -7.25
C GLN A 166 -7.48 -9.21 -8.49
N ASP A 167 -7.85 -10.49 -8.50
CA ASP A 167 -7.53 -11.38 -9.61
C ASP A 167 -8.21 -10.87 -10.89
N SER A 168 -7.41 -10.75 -11.95
CA SER A 168 -7.86 -10.24 -13.25
C SER A 168 -9.01 -10.95 -13.98
N LYS A 169 -9.24 -12.22 -13.66
CA LYS A 169 -10.30 -13.01 -14.30
C LYS A 169 -11.34 -13.55 -13.31
N ASP A 170 -10.89 -13.78 -12.07
CA ASP A 170 -11.73 -14.33 -10.99
C ASP A 170 -12.44 -13.24 -10.18
N SER A 171 -11.82 -12.06 -10.09
CA SER A 171 -12.29 -10.90 -9.32
C SER A 171 -12.32 -11.13 -7.80
N THR A 172 -11.51 -12.09 -7.34
CA THR A 172 -11.41 -12.41 -5.92
C THR A 172 -10.05 -12.00 -5.34
N TYR A 173 -9.95 -12.10 -4.01
CA TYR A 173 -8.74 -11.76 -3.26
C TYR A 173 -8.31 -12.97 -2.45
N SER A 174 -7.05 -12.96 -2.03
CA SER A 174 -6.48 -14.02 -1.20
C SER A 174 -5.63 -13.35 -0.11
N LEU A 175 -5.68 -13.91 1.10
CA LEU A 175 -4.93 -13.37 2.24
C LEU A 175 -4.08 -14.44 2.93
N SER A 176 -2.86 -14.03 3.32
CA SER A 176 -1.91 -14.87 4.04
C SER A 176 -1.53 -14.17 5.33
N SER A 177 -1.71 -14.86 6.46
CA SER A 177 -1.34 -14.33 7.77
C SER A 177 -0.33 -15.27 8.41
N THR A 178 0.76 -14.70 8.90
CA THR A 178 1.82 -15.49 9.54
C THR A 178 1.95 -15.16 11.03
N LEU A 179 1.78 -16.16 11.88
CA LEU A 179 1.96 -16.03 13.33
C LEU A 179 3.40 -16.48 13.57
N THR A 180 4.18 -15.65 14.24
CA THR A 180 5.58 -15.96 14.53
C THR A 180 5.85 -16.04 16.03
N LEU A 181 6.36 -17.19 16.46
CA LEU A 181 6.72 -17.47 17.84
C LEU A 181 8.11 -18.09 17.84
N SER A 182 8.78 -18.06 18.99
CA SER A 182 10.10 -18.69 19.12
C SER A 182 9.82 -20.20 19.27
N LYS A 183 10.81 -21.05 19.01
CA LYS A 183 10.64 -22.51 19.15
C LYS A 183 10.15 -22.85 20.56
N ALA A 184 10.79 -22.24 21.57
CA ALA A 184 10.47 -22.43 22.99
C ALA A 184 9.00 -22.13 23.35
N ASP A 185 8.50 -20.99 22.87
CA ASP A 185 7.12 -20.57 23.11
C ASP A 185 6.13 -21.45 22.35
N TYR A 186 6.57 -21.93 21.18
CA TYR A 186 5.75 -22.82 20.35
C TYR A 186 5.57 -24.16 21.06
N GLU A 187 6.66 -24.67 21.64
CA GLU A 187 6.69 -25.95 22.37
C GLU A 187 5.86 -25.98 23.65
N LYS A 188 5.56 -24.80 24.21
CA LYS A 188 4.79 -24.70 25.44
C LYS A 188 3.27 -24.70 25.24
N HIS A 189 2.83 -24.83 23.99
CA HIS A 189 1.39 -24.82 23.68
C HIS A 189 0.98 -25.94 22.74
N LYS A 190 -0.31 -26.26 22.72
CA LYS A 190 -0.84 -27.32 21.87
C LYS A 190 -1.81 -26.95 20.76
N VAL A 191 -2.89 -26.24 21.08
CA VAL A 191 -3.91 -25.87 20.08
C VAL A 191 -3.68 -24.52 19.38
N TYR A 192 -3.37 -24.57 18.08
CA TYR A 192 -3.13 -23.38 17.25
C TYR A 192 -4.32 -23.20 16.31
N GLU A 193 -5.10 -22.15 16.54
CA GLU A 193 -6.32 -21.87 15.78
C GLU A 193 -6.28 -20.57 14.98
N CYS A 194 -6.77 -20.65 13.74
CA CYS A 194 -6.90 -19.49 12.87
C CYS A 194 -8.40 -19.26 12.68
N GLU A 195 -8.92 -18.22 13.33
CA GLU A 195 -10.35 -17.87 13.26
C GLU A 195 -10.55 -16.79 12.21
N VAL A 196 -11.40 -17.10 11.22
CA VAL A 196 -11.71 -16.22 10.10
C VAL A 196 -13.16 -15.76 10.07
N THR A 197 -13.35 -14.44 10.03
CA THR A 197 -14.65 -13.80 9.96
C THR A 197 -14.71 -13.14 8.59
N HIS A 198 -15.83 -13.36 7.90
CA HIS A 198 -16.07 -12.83 6.56
C HIS A 198 -17.57 -12.74 6.29
N GLN A 199 -17.92 -11.95 5.27
CA GLN A 199 -19.32 -11.72 4.85
C GLN A 199 -19.94 -12.99 4.23
N GLY A 200 -19.10 -13.78 3.55
CA GLY A 200 -19.54 -15.01 2.91
C GLY A 200 -19.77 -16.18 3.84
N LEU A 201 -19.41 -16.02 5.12
CA LEU A 201 -19.60 -17.05 6.13
C LEU A 201 -20.68 -16.60 7.09
N SER A 202 -21.66 -17.48 7.33
CA SER A 202 -22.79 -17.21 8.25
C SER A 202 -22.29 -17.06 9.69
N SER A 203 -21.31 -17.90 10.02
CA SER A 203 -20.67 -17.93 11.33
C SER A 203 -19.15 -18.05 11.08
N PRO A 204 -18.30 -17.47 11.95
CA PRO A 204 -16.84 -17.55 11.78
C PRO A 204 -16.28 -18.98 11.77
N VAL A 205 -15.51 -19.29 10.74
CA VAL A 205 -14.91 -20.62 10.59
C VAL A 205 -13.51 -20.66 11.23
N THR A 206 -13.25 -21.74 11.96
CA THR A 206 -11.98 -21.95 12.65
C THR A 206 -11.25 -23.18 12.09
N LYS A 207 -9.98 -22.99 11.73
CA LYS A 207 -9.11 -24.06 11.24
C LYS A 207 -7.98 -24.19 12.24
N SER A 208 -7.81 -25.39 12.77
CA SER A 208 -6.80 -25.67 13.78
C SER A 208 -6.06 -26.99 13.67
N PHE A 209 -4.98 -27.08 14.45
CA PHE A 209 -4.17 -28.29 14.57
C PHE A 209 -3.62 -28.36 16.01
N ASN A 210 -3.23 -29.55 16.43
CA ASN A 210 -2.66 -29.77 17.74
C ASN A 210 -1.18 -30.07 17.53
N ARG A 211 -0.31 -29.28 18.16
CA ARG A 211 1.14 -29.44 18.05
C ARG A 211 1.65 -30.78 18.58
N GLY A 212 2.48 -31.43 17.77
CA GLY A 212 3.07 -32.70 18.14
C GLY A 212 2.21 -33.91 17.89
N GLU A 213 0.92 -33.70 17.63
CA GLU A 213 -0.03 -34.78 17.38
C GLU A 213 0.32 -35.47 16.05
N CYS A 214 0.88 -36.66 16.17
CA CYS A 214 1.32 -37.46 15.04
C CYS A 214 0.43 -38.70 14.85
N ARG B 1 5.86 21.72 -21.19
CA ARG B 1 5.20 20.64 -20.40
C ARG B 1 5.95 20.42 -19.08
N ILE B 2 5.18 20.25 -18.01
CA ILE B 2 5.73 20.05 -16.67
C ILE B 2 6.02 18.59 -16.28
N THR B 3 7.26 18.33 -15.88
CA THR B 3 7.67 16.99 -15.44
C THR B 3 8.50 17.09 -14.16
N LEU B 4 8.29 16.16 -13.23
CA LEU B 4 9.06 16.12 -11.97
C LEU B 4 9.59 14.71 -11.77
N LYS B 5 10.77 14.59 -11.17
CA LYS B 5 11.39 13.29 -10.90
C LYS B 5 12.18 13.32 -9.60
N GLU B 6 11.91 12.31 -8.78
CA GLU B 6 12.55 12.16 -7.47
C GLU B 6 13.78 11.27 -7.55
N SER B 7 14.83 11.66 -6.82
CA SER B 7 16.07 10.90 -6.77
C SER B 7 16.58 10.85 -5.34
N GLY B 8 17.32 9.79 -5.03
CA GLY B 8 17.87 9.61 -3.70
C GLY B 8 18.21 8.15 -3.44
N PRO B 9 18.66 7.81 -2.22
CA PRO B 9 19.02 6.42 -1.86
C PRO B 9 17.80 5.51 -1.72
N PRO B 10 17.81 4.33 -2.38
CA PRO B 10 16.67 3.40 -2.26
C PRO B 10 16.63 2.70 -0.90
N LEU B 11 17.79 2.67 -0.24
CA LEU B 11 17.95 2.05 1.08
C LEU B 11 18.69 2.97 2.04
N VAL B 12 18.13 3.14 3.24
CA VAL B 12 18.72 3.96 4.30
C VAL B 12 18.57 3.19 5.61
N LYS B 13 19.57 3.30 6.49
CA LYS B 13 19.54 2.61 7.79
C LYS B 13 18.93 3.52 8.87
N PRO B 14 18.27 2.95 9.93
CA PRO B 14 17.68 3.76 11.00
C PRO B 14 18.73 4.65 11.64
N THR B 15 18.27 5.82 12.11
CA THR B 15 19.03 6.92 12.74
C THR B 15 19.76 7.81 11.74
N GLN B 16 19.84 7.37 10.48
CA GLN B 16 20.51 8.15 9.44
C GLN B 16 19.64 9.24 8.82
N THR B 17 20.29 10.08 8.02
CA THR B 17 19.66 11.19 7.33
C THR B 17 19.34 10.84 5.86
N LEU B 18 18.09 11.09 5.48
CA LEU B 18 17.60 10.84 4.13
C LEU B 18 17.49 12.16 3.37
N THR B 19 18.22 12.26 2.26
CA THR B 19 18.23 13.44 1.40
C THR B 19 17.60 13.04 0.06
N LEU B 20 16.46 13.65 -0.22
CA LEU B 20 15.70 13.41 -1.45
C LEU B 20 15.68 14.64 -2.32
N THR B 21 15.89 14.45 -3.62
CA THR B 21 15.93 15.53 -4.59
C THR B 21 14.83 15.42 -5.63
N CYS B 22 14.14 16.53 -5.87
CA CYS B 22 13.07 16.64 -6.86
C CYS B 22 13.59 17.50 -8.00
N SER B 23 13.93 16.86 -9.12
CA SER B 23 14.42 17.58 -10.30
C SER B 23 13.22 17.82 -11.21
N PHE B 24 13.10 19.05 -11.69
CA PHE B 24 11.97 19.41 -12.53
C PHE B 24 12.29 20.26 -13.77
N SER B 25 11.30 20.35 -14.67
CA SER B 25 11.37 21.15 -15.91
C SER B 25 9.93 21.56 -16.31
N GLY B 26 9.78 22.65 -17.04
CA GLY B 26 8.44 23.11 -17.43
C GLY B 26 8.01 24.36 -16.68
N PHE B 27 8.62 24.59 -15.52
CA PHE B 27 8.36 25.76 -14.68
C PHE B 27 9.66 26.15 -14.00
N SER B 28 9.64 27.32 -13.36
CA SER B 28 10.78 27.82 -12.62
C SER B 28 10.23 28.11 -11.24
N LEU B 29 11.08 27.92 -10.23
CA LEU B 29 10.68 28.21 -8.88
C LEU B 29 10.88 29.69 -8.56
N SER B 30 10.98 30.47 -9.63
CA SER B 30 11.10 31.92 -9.55
C SER B 30 9.83 32.52 -10.16
N ASP B 31 8.93 31.67 -10.66
CA ASP B 31 7.66 32.11 -11.24
C ASP B 31 6.74 32.45 -10.07
N PHE B 32 5.91 33.47 -10.24
CA PHE B 32 4.98 33.90 -9.21
C PHE B 32 4.00 32.83 -8.77
N GLY B 33 3.84 32.73 -7.45
CA GLY B 33 2.91 31.79 -6.84
C GLY B 33 3.13 30.30 -6.84
N VAL B 34 4.16 29.85 -7.55
CA VAL B 34 4.47 28.43 -7.67
C VAL B 34 4.97 27.76 -6.39
N GLY B 35 4.54 26.51 -6.22
CA GLY B 35 4.93 25.73 -5.07
C GLY B 35 5.31 24.32 -5.48
N VAL B 36 6.17 23.71 -4.67
CA VAL B 36 6.61 22.33 -4.86
C VAL B 36 6.48 21.65 -3.50
N GLY B 37 5.67 20.60 -3.46
CA GLY B 37 5.45 19.85 -2.23
C GLY B 37 5.97 18.44 -2.26
N TRP B 38 6.00 17.81 -1.09
CA TRP B 38 6.43 16.43 -0.93
C TRP B 38 5.32 15.67 -0.23
N ILE B 39 5.02 14.49 -0.76
CA ILE B 39 3.96 13.62 -0.25
C ILE B 39 4.52 12.19 -0.22
N ARG B 40 4.20 11.44 0.83
CA ARG B 40 4.68 10.08 0.97
C ARG B 40 3.51 9.10 1.02
N GLN B 41 3.81 7.84 0.70
CA GLN B 41 2.81 6.79 0.73
C GLN B 41 3.42 5.45 1.17
N PRO B 42 3.23 5.07 2.46
CA PRO B 42 3.78 3.80 2.97
C PRO B 42 3.03 2.64 2.27
N PRO B 43 3.74 1.51 1.94
CA PRO B 43 3.12 0.37 1.26
C PRO B 43 1.72 -0.05 1.73
N GLY B 44 0.77 0.07 0.79
CA GLY B 44 -0.63 -0.27 1.04
C GLY B 44 -1.43 0.69 1.91
N LYS B 45 -0.84 1.86 2.21
CA LYS B 45 -1.51 2.87 3.04
C LYS B 45 -1.88 4.16 2.29
N ALA B 46 -2.46 5.10 3.01
CA ALA B 46 -2.89 6.38 2.46
C ALA B 46 -1.76 7.38 2.21
N LEU B 47 -2.06 8.42 1.43
CA LEU B 47 -1.10 9.49 1.13
C LEU B 47 -0.98 10.38 2.37
N GLU B 48 0.24 10.82 2.64
CA GLU B 48 0.53 11.68 3.76
C GLU B 48 1.28 12.90 3.28
N TRP B 49 0.77 14.07 3.64
CA TRP B 49 1.37 15.35 3.25
C TRP B 49 2.60 15.59 4.14
N LEU B 50 3.69 16.01 3.51
CA LEU B 50 4.95 16.27 4.21
C LEU B 50 5.42 17.70 4.36
N ALA B 51 5.50 18.42 3.24
CA ALA B 51 5.99 19.80 3.22
C ALA B 51 5.76 20.45 1.88
N ILE B 52 5.93 21.78 1.84
CA ILE B 52 5.81 22.57 0.61
C ILE B 52 6.69 23.80 0.70
N ILE B 53 7.25 24.21 -0.44
CA ILE B 53 8.08 25.41 -0.54
C ILE B 53 7.60 26.21 -1.76
N TYR B 54 7.51 27.52 -1.59
CA TYR B 54 7.07 28.39 -2.67
C TYR B 54 8.19 29.23 -3.24
N SER B 55 7.88 29.95 -4.32
CA SER B 55 8.85 30.81 -5.00
C SER B 55 9.47 31.90 -4.13
N ASP B 56 8.68 32.46 -3.19
CA ASP B 56 9.20 33.50 -2.29
C ASP B 56 9.98 32.94 -1.09
N ASP B 57 10.29 31.64 -1.19
CA ASP B 57 11.03 30.84 -0.19
C ASP B 57 10.28 30.53 1.13
N ASP B 58 8.97 30.77 1.16
CA ASP B 58 8.16 30.44 2.34
C ASP B 58 8.03 28.92 2.36
N LYS B 59 8.25 28.34 3.55
CA LYS B 59 8.21 26.89 3.74
C LYS B 59 7.20 26.54 4.82
N ARG B 60 6.52 25.41 4.64
CA ARG B 60 5.55 24.91 5.62
C ARG B 60 5.77 23.41 5.75
N TYR B 61 5.62 22.92 6.97
CA TYR B 61 5.85 21.49 7.26
C TYR B 61 4.70 20.86 8.01
N SER B 62 4.64 19.54 7.91
CA SER B 62 3.68 18.69 8.63
C SER B 62 4.13 18.79 10.11
N PRO B 63 3.21 19.17 11.03
CA PRO B 63 3.50 19.30 12.47
C PRO B 63 4.00 18.03 13.13
N SER B 64 3.62 16.90 12.55
CA SER B 64 4.01 15.58 13.03
C SER B 64 5.48 15.26 12.74
N LEU B 65 5.99 15.85 11.66
CA LEU B 65 7.38 15.60 11.22
C LEU B 65 8.28 16.83 11.18
N ASN B 66 7.79 17.96 11.67
CA ASN B 66 8.49 19.26 11.66
C ASN B 66 9.97 19.24 12.08
N THR B 67 10.25 18.66 13.24
CA THR B 67 11.60 18.58 13.79
C THR B 67 12.61 17.82 12.93
N ARG B 68 12.11 16.82 12.22
CA ARG B 68 12.95 15.98 11.36
C ARG B 68 13.06 16.46 9.90
N LEU B 69 12.18 17.36 9.46
CA LEU B 69 12.19 17.83 8.07
C LEU B 69 12.81 19.20 7.78
N THR B 70 13.47 19.27 6.63
CA THR B 70 14.03 20.51 6.12
C THR B 70 13.81 20.50 4.62
N ILE B 71 13.18 21.56 4.12
CA ILE B 71 12.94 21.70 2.70
C ILE B 71 13.68 22.93 2.19
N THR B 72 14.28 22.78 1.01
CA THR B 72 15.05 23.85 0.42
C THR B 72 14.91 23.80 -1.10
N LYS B 73 15.19 24.94 -1.73
CA LYS B 73 15.13 24.99 -3.18
C LYS B 73 16.42 25.51 -3.76
N ASP B 74 16.71 25.06 -4.98
CA ASP B 74 17.85 25.54 -5.74
C ASP B 74 17.20 25.90 -7.08
N THR B 75 16.82 27.17 -7.17
CA THR B 75 16.13 27.76 -8.32
C THR B 75 16.91 27.67 -9.63
N SER B 76 18.23 27.84 -9.56
CA SER B 76 19.11 27.78 -10.72
C SER B 76 19.26 26.37 -11.30
N LYS B 77 19.14 25.36 -10.44
CA LYS B 77 19.25 23.96 -10.86
C LYS B 77 17.90 23.28 -11.09
N ASN B 78 16.82 24.01 -10.80
CA ASN B 78 15.43 23.53 -10.91
C ASN B 78 15.25 22.30 -10.02
N GLN B 79 15.65 22.44 -8.76
CA GLN B 79 15.57 21.37 -7.78
C GLN B 79 15.03 21.79 -6.42
N VAL B 80 14.37 20.84 -5.75
CA VAL B 80 13.85 21.01 -4.41
C VAL B 80 14.36 19.80 -3.63
N VAL B 81 14.98 20.07 -2.49
CA VAL B 81 15.52 19.00 -1.67
C VAL B 81 14.77 18.91 -0.34
N LEU B 82 14.43 17.67 0.03
CA LEU B 82 13.78 17.38 1.31
C LEU B 82 14.78 16.55 2.08
N VAL B 83 15.10 17.00 3.28
CA VAL B 83 16.03 16.31 4.16
C VAL B 83 15.25 15.82 5.38
N MET B 84 15.27 14.50 5.58
CA MET B 84 14.61 13.89 6.74
C MET B 84 15.69 13.27 7.62
N THR B 85 15.76 13.74 8.86
CA THR B 85 16.76 13.23 9.81
C THR B 85 16.18 12.14 10.70
N ARG B 86 17.06 11.44 11.41
CA ARG B 86 16.72 10.38 12.37
C ARG B 86 15.59 9.44 11.90
N VAL B 87 15.81 8.84 10.72
CA VAL B 87 14.83 7.94 10.13
C VAL B 87 14.66 6.64 10.93
N SER B 88 13.46 6.09 10.86
CA SER B 88 13.12 4.86 11.57
C SER B 88 12.39 4.00 10.53
N PRO B 89 12.16 2.69 10.81
CA PRO B 89 11.45 1.86 9.84
C PRO B 89 10.04 2.31 9.37
N VAL B 90 9.33 3.13 10.15
CA VAL B 90 8.00 3.62 9.72
C VAL B 90 8.06 4.64 8.58
N ASP B 91 9.26 5.13 8.30
CA ASP B 91 9.46 6.07 7.21
C ASP B 91 9.65 5.35 5.87
N THR B 92 9.52 4.01 5.86
CA THR B 92 9.64 3.22 4.62
C THR B 92 8.38 3.59 3.83
N ALA B 93 8.59 4.18 2.66
CA ALA B 93 7.49 4.63 1.83
C ALA B 93 7.95 5.05 0.46
N THR B 94 6.98 5.28 -0.40
CA THR B 94 7.24 5.81 -1.73
C THR B 94 7.07 7.32 -1.51
N TYR B 95 8.06 8.09 -1.94
CA TYR B 95 8.06 9.55 -1.78
C TYR B 95 7.84 10.25 -3.10
N PHE B 96 6.84 11.13 -3.13
CA PHE B 96 6.48 11.88 -4.33
C PHE B 96 6.69 13.37 -4.16
N CYS B 97 7.18 14.04 -5.20
CA CYS B 97 7.25 15.49 -5.16
C CYS B 97 6.20 15.93 -6.18
N ALA B 98 5.58 17.09 -5.94
CA ALA B 98 4.52 17.59 -6.82
C ALA B 98 4.47 19.10 -6.99
N HIS B 99 3.96 19.52 -8.14
CA HIS B 99 3.82 20.93 -8.47
C HIS B 99 2.47 21.50 -8.04
N ARG B 100 2.49 22.74 -7.57
CA ARG B 100 1.31 23.49 -7.18
C ARG B 100 1.30 24.75 -8.02
N ARG B 101 0.20 24.97 -8.74
CA ARG B 101 0.01 26.14 -9.59
C ARG B 101 -0.17 27.38 -8.76
N GLY B 102 0.17 28.51 -9.36
CA GLY B 102 -0.03 29.80 -8.71
C GLY B 102 -1.33 30.30 -9.29
N PRO B 103 -1.82 31.50 -8.91
CA PRO B 103 -3.08 32.00 -9.46
C PRO B 103 -3.00 32.32 -10.95
N THR B 104 -4.16 32.23 -11.62
CA THR B 104 -4.29 32.57 -13.03
C THR B 104 -4.14 34.09 -13.06
N THR B 105 -3.28 34.58 -13.96
CA THR B 105 -3.05 36.01 -14.08
C THR B 105 -3.54 36.60 -15.41
N LEU B 106 -3.81 37.89 -15.38
CA LEU B 106 -4.24 38.67 -16.54
C LEU B 106 -3.34 39.90 -16.51
N PHE B 107 -2.45 39.98 -17.51
CA PHE B 107 -1.42 41.03 -17.67
C PHE B 107 -0.52 41.08 -16.43
N GLY B 108 -0.27 39.90 -15.86
CA GLY B 108 0.56 39.77 -14.67
C GLY B 108 -0.18 39.89 -13.35
N VAL B 109 -1.43 40.37 -13.40
CA VAL B 109 -2.28 40.58 -12.23
C VAL B 109 -3.17 39.35 -11.90
N PRO B 110 -3.07 38.78 -10.68
CA PRO B 110 -3.89 37.62 -10.26
C PRO B 110 -5.41 37.87 -10.26
N ILE B 111 -6.13 37.06 -11.03
CA ILE B 111 -7.58 37.18 -11.13
C ILE B 111 -8.39 35.99 -10.63
N ALA B 112 -7.75 34.81 -10.57
CA ALA B 112 -8.40 33.59 -10.09
C ALA B 112 -7.46 32.76 -9.23
N ARG B 113 -7.86 32.52 -7.99
CA ARG B 113 -7.07 31.72 -7.07
C ARG B 113 -7.48 30.24 -7.09
N GLY B 114 -8.52 29.93 -7.85
CA GLY B 114 -9.00 28.55 -7.99
C GLY B 114 -7.96 27.48 -8.35
N PRO B 115 -7.10 27.69 -9.39
CA PRO B 115 -6.08 26.71 -9.79
C PRO B 115 -5.03 26.28 -8.77
N VAL B 116 -4.94 27.00 -7.66
CA VAL B 116 -3.97 26.68 -6.60
C VAL B 116 -4.45 25.54 -5.71
N ASN B 117 -5.77 25.27 -5.76
CA ASN B 117 -6.37 24.26 -4.92
C ASN B 117 -6.24 22.83 -5.43
N ALA B 118 -4.97 22.42 -5.53
CA ALA B 118 -4.55 21.09 -5.98
C ALA B 118 -3.06 21.05 -6.22
N MET B 119 -2.56 19.82 -6.33
CA MET B 119 -1.17 19.53 -6.68
C MET B 119 -1.43 18.89 -8.05
N ASP B 120 -1.20 19.66 -9.11
CA ASP B 120 -1.51 19.24 -10.48
C ASP B 120 -0.66 18.24 -11.25
N VAL B 121 0.65 18.30 -11.07
CA VAL B 121 1.58 17.39 -11.73
C VAL B 121 2.42 16.74 -10.66
N TRP B 122 2.58 15.43 -10.80
CA TRP B 122 3.30 14.60 -9.84
C TRP B 122 4.42 13.81 -10.48
N GLY B 123 5.45 13.53 -9.68
CA GLY B 123 6.57 12.72 -10.15
C GLY B 123 6.18 11.27 -9.98
N GLN B 124 6.94 10.37 -10.62
CA GLN B 124 6.68 8.91 -10.56
C GLN B 124 6.79 8.32 -9.15
N GLY B 125 7.58 8.98 -8.29
CA GLY B 125 7.78 8.50 -6.94
C GLY B 125 9.05 7.67 -6.81
N ILE B 126 9.67 7.75 -5.64
CA ILE B 126 10.88 7.01 -5.34
C ILE B 126 10.59 6.16 -4.09
N THR B 127 10.88 4.87 -4.21
CA THR B 127 10.67 3.91 -3.13
C THR B 127 11.88 3.87 -2.21
N VAL B 128 11.67 4.28 -0.97
CA VAL B 128 12.74 4.28 0.04
C VAL B 128 12.40 3.24 1.11
N THR B 129 13.38 2.40 1.41
CA THR B 129 13.27 1.35 2.41
C THR B 129 14.25 1.64 3.55
N ILE B 130 13.75 1.62 4.78
CA ILE B 130 14.55 1.86 5.97
C ILE B 130 14.66 0.59 6.81
N SER B 131 15.89 0.06 6.81
CA SER B 131 16.26 -1.16 7.51
C SER B 131 17.76 -1.14 7.80
N SER B 132 18.15 -1.72 8.94
CA SER B 132 19.55 -1.78 9.38
C SER B 132 20.31 -2.98 8.82
N THR B 133 19.57 -3.94 8.28
CA THR B 133 20.19 -5.14 7.77
C THR B 133 20.84 -5.03 6.40
N SER B 134 21.78 -5.95 6.16
CA SER B 134 22.52 -6.05 4.92
C SER B 134 21.92 -7.13 4.02
N THR B 135 22.50 -7.28 2.83
CA THR B 135 22.07 -8.26 1.84
C THR B 135 22.10 -9.67 2.43
N LYS B 136 20.95 -10.34 2.41
CA LYS B 136 20.80 -11.68 2.97
C LYS B 136 19.83 -12.55 2.15
N GLY B 137 20.21 -13.80 1.94
CA GLY B 137 19.39 -14.75 1.20
C GLY B 137 18.28 -15.36 2.06
N PRO B 138 17.17 -15.85 1.44
CA PRO B 138 16.07 -16.45 2.18
C PRO B 138 16.22 -17.92 2.58
N SER B 139 15.48 -18.28 3.61
CA SER B 139 15.41 -19.65 4.09
C SER B 139 14.02 -20.08 3.60
N VAL B 140 13.97 -21.12 2.77
CA VAL B 140 12.71 -21.60 2.20
C VAL B 140 12.20 -22.80 2.97
N PHE B 141 10.99 -22.66 3.51
CA PHE B 141 10.34 -23.70 4.30
C PHE B 141 9.05 -24.18 3.63
N PRO B 142 8.71 -25.48 3.78
CA PRO B 142 7.46 -25.95 3.15
C PRO B 142 6.19 -25.63 3.89
N LEU B 143 5.12 -25.46 3.13
CA LEU B 143 3.79 -25.25 3.68
C LEU B 143 2.99 -26.44 3.17
N ALA B 144 2.86 -27.43 4.05
CA ALA B 144 2.14 -28.68 3.78
C ALA B 144 0.87 -28.68 4.65
N PRO B 145 -0.30 -28.97 4.04
CA PRO B 145 -1.61 -29.01 4.73
C PRO B 145 -1.76 -30.07 5.85
N SER B 146 -2.21 -31.27 5.47
CA SER B 146 -2.39 -32.41 6.38
C SER B 146 -2.53 -33.69 5.54
N GLY B 153 -13.67 -28.14 -2.26
CA GLY B 153 -12.83 -29.16 -1.62
C GLY B 153 -11.46 -29.27 -2.33
N THR B 154 -10.78 -28.12 -2.38
CA THR B 154 -9.46 -28.00 -2.99
C THR B 154 -8.39 -28.15 -1.92
N ALA B 155 -7.20 -28.59 -2.33
CA ALA B 155 -6.07 -28.76 -1.42
C ALA B 155 -5.09 -27.60 -1.64
N ALA B 156 -4.44 -27.14 -0.56
CA ALA B 156 -3.48 -26.04 -0.65
C ALA B 156 -2.10 -26.42 -0.15
N LEU B 157 -1.09 -25.85 -0.79
CA LEU B 157 0.29 -26.09 -0.44
C LEU B 157 1.11 -24.89 -0.85
N GLY B 158 2.27 -24.72 -0.22
CA GLY B 158 3.11 -23.60 -0.55
C GLY B 158 4.53 -23.61 -0.08
N CYS B 159 5.13 -22.42 -0.14
CA CYS B 159 6.50 -22.18 0.28
C CYS B 159 6.57 -20.88 1.04
N LEU B 160 7.28 -20.91 2.16
CA LEU B 160 7.48 -19.73 2.99
C LEU B 160 8.90 -19.28 2.75
N VAL B 161 9.03 -18.14 2.07
CA VAL B 161 10.31 -17.54 1.73
C VAL B 161 10.58 -16.51 2.84
N LYS B 162 11.27 -16.97 3.88
CA LYS B 162 11.54 -16.17 5.06
C LYS B 162 12.95 -15.62 5.25
N ASP B 163 12.99 -14.42 5.86
CA ASP B 163 14.21 -13.70 6.23
C ASP B 163 15.22 -13.37 5.14
N TYR B 164 14.85 -12.44 4.26
CA TYR B 164 15.74 -12.00 3.19
C TYR B 164 15.77 -10.49 3.08
N PHE B 165 16.80 -9.99 2.39
CA PHE B 165 17.00 -8.57 2.17
C PHE B 165 17.97 -8.32 1.02
N PRO B 166 17.60 -7.42 0.07
CA PRO B 166 16.37 -6.62 -0.02
C PRO B 166 15.37 -7.27 -0.99
N GLU B 167 14.36 -6.49 -1.36
CA GLU B 167 13.38 -6.91 -2.36
C GLU B 167 14.13 -6.75 -3.71
N PRO B 168 13.77 -7.52 -4.75
CA PRO B 168 12.73 -8.54 -4.83
C PRO B 168 13.22 -9.98 -4.79
N VAL B 169 12.23 -10.86 -4.80
CA VAL B 169 12.43 -12.30 -4.86
C VAL B 169 11.42 -12.77 -5.90
N THR B 170 11.82 -13.76 -6.71
CA THR B 170 10.93 -14.30 -7.72
C THR B 170 10.57 -15.72 -7.33
N VAL B 171 9.27 -16.03 -7.33
CA VAL B 171 8.81 -17.38 -7.00
C VAL B 171 7.92 -17.90 -8.12
N SER B 172 8.27 -19.08 -8.63
CA SER B 172 7.50 -19.75 -9.65
C SER B 172 7.26 -21.18 -9.16
N TRP B 173 6.32 -21.87 -9.80
CA TRP B 173 5.98 -23.24 -9.44
C TRP B 173 6.22 -24.14 -10.66
N ASN B 174 6.88 -25.28 -10.39
CA ASN B 174 7.24 -26.30 -11.39
C ASN B 174 8.00 -25.74 -12.59
N SER B 175 9.00 -24.91 -12.29
CA SER B 175 9.87 -24.23 -13.25
C SER B 175 9.14 -23.31 -14.26
N GLY B 176 7.93 -22.91 -13.88
CA GLY B 176 7.11 -22.04 -14.70
C GLY B 176 5.91 -22.72 -15.34
N ALA B 177 5.84 -24.05 -15.25
CA ALA B 177 4.74 -24.83 -15.83
C ALA B 177 3.41 -24.76 -15.08
N LEU B 178 3.45 -24.35 -13.81
CA LEU B 178 2.24 -24.22 -13.01
C LEU B 178 1.96 -22.75 -12.71
N THR B 179 0.80 -22.29 -13.18
CA THR B 179 0.36 -20.90 -13.01
C THR B 179 -1.06 -20.78 -12.44
N SER B 180 -1.92 -21.75 -12.76
CA SER B 180 -3.31 -21.76 -12.31
C SER B 180 -3.48 -22.08 -10.83
N GLY B 181 -4.13 -21.15 -10.11
CA GLY B 181 -4.36 -21.29 -8.69
C GLY B 181 -3.21 -20.82 -7.82
N VAL B 182 -2.19 -20.23 -8.44
CA VAL B 182 -1.01 -19.72 -7.73
C VAL B 182 -1.21 -18.32 -7.18
N HIS B 183 -0.90 -18.14 -5.91
CA HIS B 183 -0.99 -16.84 -5.24
C HIS B 183 0.31 -16.54 -4.51
N THR B 184 1.08 -15.61 -5.10
CA THR B 184 2.34 -15.15 -4.52
C THR B 184 2.00 -13.81 -3.88
N PHE B 185 2.02 -13.83 -2.54
CA PHE B 185 1.71 -12.68 -1.70
C PHE B 185 2.79 -11.63 -1.61
N PRO B 186 2.41 -10.34 -1.48
CA PRO B 186 3.43 -9.29 -1.37
C PRO B 186 4.16 -9.46 -0.03
N ALA B 187 5.47 -9.23 -0.04
CA ALA B 187 6.29 -9.35 1.16
C ALA B 187 5.97 -8.35 2.24
N VAL B 188 6.15 -8.77 3.48
CA VAL B 188 5.95 -7.92 4.64
C VAL B 188 7.33 -7.67 5.22
N LEU B 189 7.59 -6.44 5.64
CA LEU B 189 8.85 -6.05 6.26
C LEU B 189 8.66 -6.38 7.74
N GLN B 190 9.42 -7.35 8.22
CA GLN B 190 9.35 -7.78 9.63
C GLN B 190 10.07 -6.77 10.51
N SER B 191 9.83 -6.87 11.82
CA SER B 191 10.43 -6.00 12.82
C SER B 191 11.96 -6.06 12.90
N SER B 192 12.52 -7.15 12.38
CA SER B 192 13.96 -7.39 12.35
C SER B 192 14.62 -6.71 11.15
N GLY B 193 13.80 -6.18 10.25
CA GLY B 193 14.31 -5.49 9.06
C GLY B 193 14.45 -6.38 7.85
N LEU B 194 14.04 -7.64 7.99
CA LEU B 194 14.12 -8.60 6.91
C LEU B 194 12.71 -8.85 6.35
N TYR B 195 12.62 -9.17 5.07
CA TYR B 195 11.34 -9.44 4.44
C TYR B 195 10.93 -10.91 4.56
N SER B 196 9.64 -11.16 4.36
CA SER B 196 9.08 -12.50 4.41
C SER B 196 7.78 -12.57 3.63
N LEU B 197 7.62 -13.64 2.85
CA LEU B 197 6.39 -13.87 2.09
C LEU B 197 6.14 -15.34 1.91
N SER B 198 4.90 -15.61 1.54
CA SER B 198 4.45 -16.95 1.25
C SER B 198 3.97 -16.95 -0.19
N SER B 199 4.06 -18.13 -0.80
CA SER B 199 3.63 -18.35 -2.17
C SER B 199 2.88 -19.66 -2.08
N VAL B 200 1.59 -19.63 -2.38
CA VAL B 200 0.75 -20.83 -2.32
C VAL B 200 0.13 -21.19 -3.66
N VAL B 201 -0.50 -22.36 -3.69
CA VAL B 201 -1.21 -22.87 -4.86
C VAL B 201 -2.27 -23.88 -4.44
N THR B 202 -3.49 -23.70 -4.98
CA THR B 202 -4.59 -24.62 -4.72
C THR B 202 -4.72 -25.53 -5.94
N VAL B 203 -4.79 -26.83 -5.68
CA VAL B 203 -4.87 -27.86 -6.72
C VAL B 203 -5.98 -28.88 -6.40
N PRO B 204 -6.39 -29.72 -7.39
CA PRO B 204 -7.43 -30.71 -7.07
C PRO B 204 -6.86 -31.70 -6.04
N SER B 205 -7.64 -31.99 -5.00
CA SER B 205 -7.25 -32.92 -3.92
C SER B 205 -6.76 -34.28 -4.42
N SER B 206 -7.22 -34.65 -5.61
CA SER B 206 -6.85 -35.90 -6.27
C SER B 206 -5.43 -35.84 -6.85
N SER B 207 -5.00 -34.65 -7.27
CA SER B 207 -3.66 -34.41 -7.83
C SER B 207 -2.58 -34.42 -6.75
N THR B 210 -1.12 -37.07 -8.17
CA THR B 210 -0.54 -37.42 -9.46
C THR B 210 0.69 -36.58 -9.81
N GLN B 211 0.61 -35.27 -9.56
CA GLN B 211 1.69 -34.34 -9.85
C GLN B 211 2.59 -33.99 -8.65
N THR B 212 3.82 -33.59 -8.96
CA THR B 212 4.83 -33.17 -7.99
C THR B 212 4.81 -31.64 -7.97
N TYR B 213 4.93 -31.07 -6.77
CA TYR B 213 4.92 -29.60 -6.62
C TYR B 213 6.21 -29.04 -6.03
N THR B 214 6.90 -28.24 -6.84
CA THR B 214 8.16 -27.62 -6.46
C THR B 214 8.19 -26.11 -6.68
N CYS B 215 8.53 -25.36 -5.63
CA CYS B 215 8.62 -23.91 -5.73
C CYS B 215 10.03 -23.51 -6.08
N ASN B 216 10.17 -22.62 -7.06
CA ASN B 216 11.46 -22.14 -7.53
C ASN B 216 11.64 -20.72 -7.05
N VAL B 217 12.51 -20.57 -6.07
CA VAL B 217 12.81 -19.30 -5.44
C VAL B 217 14.14 -18.76 -5.92
N ASN B 218 14.16 -17.48 -6.25
CA ASN B 218 15.37 -16.80 -6.72
C ASN B 218 15.42 -15.38 -6.17
N HIS B 219 16.41 -15.15 -5.32
CA HIS B 219 16.67 -13.85 -4.73
C HIS B 219 17.98 -13.41 -5.37
N LYS B 220 17.85 -12.58 -6.42
CA LYS B 220 18.98 -12.07 -7.19
C LYS B 220 20.07 -11.26 -6.44
N PRO B 221 19.71 -10.39 -5.46
CA PRO B 221 20.75 -9.62 -4.74
C PRO B 221 21.82 -10.41 -3.96
N SER B 222 21.48 -11.60 -3.48
CA SER B 222 22.43 -12.43 -2.72
C SER B 222 22.86 -13.71 -3.42
N ASN B 223 22.39 -13.90 -4.66
CA ASN B 223 22.67 -15.09 -5.51
C ASN B 223 22.21 -16.37 -4.80
N THR B 224 20.94 -16.37 -4.38
CA THR B 224 20.35 -17.51 -3.69
C THR B 224 19.17 -18.08 -4.49
N LYS B 225 19.43 -19.18 -5.18
CA LYS B 225 18.43 -19.87 -5.96
C LYS B 225 18.12 -21.16 -5.21
N VAL B 226 16.84 -21.39 -4.91
CA VAL B 226 16.40 -22.57 -4.18
C VAL B 226 15.17 -23.21 -4.85
N ASP B 227 15.20 -24.54 -4.98
CA ASP B 227 14.08 -25.32 -5.52
C ASP B 227 13.67 -26.26 -4.40
N LYS B 228 12.45 -26.10 -3.89
CA LYS B 228 11.97 -26.95 -2.81
C LYS B 228 10.71 -27.72 -3.18
N ARG B 229 10.83 -29.04 -3.16
CA ARG B 229 9.69 -29.90 -3.45
C ARG B 229 8.84 -30.03 -2.19
N VAL B 230 7.57 -29.66 -2.34
CA VAL B 230 6.59 -29.69 -1.27
C VAL B 230 5.60 -30.81 -1.59
N GLU B 231 5.51 -31.76 -0.67
CA GLU B 231 4.61 -32.89 -0.83
C GLU B 231 3.79 -33.01 0.45
N PRO B 232 2.59 -33.65 0.41
CA PRO B 232 1.77 -33.79 1.62
C PRO B 232 2.54 -34.45 2.76
N LYS B 233 2.22 -34.10 4.00
CA LYS B 233 2.90 -34.65 5.17
C LYS B 233 2.83 -36.19 5.22
N SER B 234 3.59 -36.78 6.13
CA SER B 234 3.69 -38.23 6.33
C SER B 234 4.43 -38.92 5.17
N CYS B 235 5.77 -38.94 5.29
CA CYS B 235 6.71 -39.54 4.32
C CYS B 235 6.72 -38.91 2.90
N GLU C 1 -2.65 26.60 10.73
CA GLU C 1 -2.97 27.99 10.28
C GLU C 1 -3.54 27.97 8.85
N LEU C 2 -3.94 29.13 8.35
CA LEU C 2 -4.52 29.26 7.00
C LEU C 2 -3.52 29.09 5.87
N ASP C 3 -4.01 28.57 4.74
CA ASP C 3 -3.20 28.36 3.54
C ASP C 3 -2.73 29.70 2.98
N NRG C 4 -1.71 29.64 2.12
CA NRG C 4 -1.13 30.82 1.51
CB NRG C 4 -0.03 30.39 0.60
CG NRG C 4 0.72 31.52 0.01
CD NRG C 4 1.49 31.17 -1.15
NE NRG C 4 2.84 31.60 -0.93
CZ NRG C 4 3.70 32.14 -1.76
NH1 NRG C 4 3.52 32.41 -2.89
NH2 NRG C 4 4.86 32.38 -1.22
C NRG C 4 -2.14 31.66 0.72
O NRG C 4 -2.08 32.90 0.72
N1 NRG C 4 4.66 33.01 -3.80
O2 NRG C 4 4.49 33.31 -4.96
O3 NRG C 4 5.77 33.20 -3.40
N TRP C 5 -3.07 30.98 0.07
CA TRP C 5 -4.08 31.62 -0.77
C TRP C 5 -5.48 31.86 -0.17
N ALA C 6 -5.59 31.58 1.12
CA ALA C 6 -6.83 31.74 1.85
C ALA C 6 -7.14 33.21 2.22
N SER C 7 -8.42 33.47 2.55
CA SER C 7 -9.01 34.76 2.96
C SER C 7 -9.55 35.67 1.82
#